data_8CE0
#
_entry.id   8CE0
#
_cell.length_a   45.529
_cell.length_b   53.085
_cell.length_c   73.171
_cell.angle_alpha   90.00
_cell.angle_beta   90.00
_cell.angle_gamma   90.00
#
_symmetry.space_group_name_H-M   'P 21 21 21'
#
loop_
_entity.id
_entity.type
_entity.pdbx_description
1 polymer 'Maltodextrin-binding protein,Apolipoprotein E'
2 non-polymer GLYCEROL
3 water water
#
_entity_poly.entity_id   1
_entity_poly.type   'polypeptide(L)'
_entity_poly.pdbx_seq_one_letter_code
;GPMKIEEGKLVIWINGDKGYNGLAEVGKKFEKDTGIKVTVEHPDKLEEKFPQVAATGDGPDIIFWAHDRFGGYAQSGLLA
EITPAAAFQDKLYPFTWDAVRYNGKLIAYPIAVEALSLIYNKDLLPNPPKTWEEIPALDKELKAKGKSALMFNLQEPYFT
WPLIAADGGYAFKYENGKYDIKDVGVDNAGAKAGLTFLVDLIKNKHMNADTDYSIAEAAFNKGETAMTINGPWAWSNIDT
SAVNYGVTVLPTFKGQPSKPFVGVLSAGINAASPNKELAKEFLENYLLTDEGLEAVNKDKPLGAVALKSYEEELAKDPRI
AATMENAQKGEIMPNIPQMSAFWYAVRTAVINAASGRQTVDAALAAAQTNAAAAHMKVEQAVETEPEPELRQQTEWQSGQ
RWELALGRFWDYLRWVQTLSEQVQEELLSSQVTQELRALMDETMKELKAYKSELEEQLTPVAEETRARLSKELQAAQARL
GADMEDVRGRLVQYRGEVQAMLGQSTEELRVRLASHLRKLRKRLLRDADDLQKRLAVYQAGAREGAERGLSAIRERLGPL
VEQGRVRAATVGSLAGQPLQERAQAWGERLRARMEEMGSRTRDRLDEVKEQVAEVRAKLEEQAQQIRLQAEAAQARLKSR
FEPLAEDMQRQWAGQVEKVQAAEGTSAAPVPSDNH
;
_entity_poly.pdbx_strand_id   A
#
loop_
_chem_comp.id
_chem_comp.type
_chem_comp.name
_chem_comp.formula
GOL non-polymer GLYCEROL 'C3 H8 O3'
#
# COMPACT_ATOMS: atom_id res chain seq x y z
N GLY A 399 -0.67 -6.80 -15.74
CA GLY A 399 -1.06 -5.41 -15.65
C GLY A 399 0.04 -4.38 -15.93
N GLN A 400 -0.23 -3.11 -15.61
CA GLN A 400 0.75 -2.05 -15.70
C GLN A 400 1.88 -2.26 -14.67
N ARG A 401 2.99 -1.58 -14.89
CA ARG A 401 4.15 -1.74 -13.99
C ARG A 401 3.79 -1.40 -12.54
N TRP A 402 3.02 -0.32 -12.32
CA TRP A 402 2.68 0.02 -10.93
C TRP A 402 1.75 -1.01 -10.32
N GLU A 403 0.92 -1.62 -11.14
CA GLU A 403 0.02 -2.66 -10.66
C GLU A 403 0.79 -3.92 -10.25
N LEU A 404 1.84 -4.27 -11.01
CA LEU A 404 2.68 -5.38 -10.62
C LEU A 404 3.44 -5.07 -9.35
N ALA A 405 3.88 -3.80 -9.20
CA ALA A 405 4.58 -3.43 -7.98
C ALA A 405 3.66 -3.55 -6.77
N LEU A 406 2.42 -3.04 -6.90
CA LEU A 406 1.44 -3.22 -5.84
C LEU A 406 1.14 -4.69 -5.59
N GLY A 407 1.07 -5.49 -6.67
CA GLY A 407 0.90 -6.93 -6.49
C GLY A 407 1.98 -7.56 -5.62
N ARG A 408 3.24 -7.12 -5.78
CA ARG A 408 4.28 -7.67 -4.90
C ARG A 408 4.07 -7.22 -3.45
N PHE A 409 3.60 -5.98 -3.25
CA PHE A 409 3.23 -5.55 -1.89
C PHE A 409 2.12 -6.44 -1.31
N TRP A 410 1.08 -6.74 -2.12
CA TRP A 410 -0.02 -7.62 -1.67
C TRP A 410 0.49 -9.00 -1.31
N ASP A 411 1.37 -9.57 -2.16
CA ASP A 411 1.85 -10.93 -1.90
C ASP A 411 2.65 -10.99 -0.60
N TYR A 412 3.45 -9.96 -0.38
CA TYR A 412 4.23 -9.94 0.86
C TYR A 412 3.33 -9.73 2.09
N LEU A 413 2.41 -8.78 2.02
CA LEU A 413 1.49 -8.54 3.14
C LEU A 413 0.62 -9.76 3.43
N ARG A 414 0.18 -10.51 2.40
CA ARG A 414 -0.62 -11.71 2.67
CA ARG A 414 -0.60 -11.72 2.64
C ARG A 414 0.19 -12.70 3.48
N TRP A 415 1.47 -12.88 3.12
CA TRP A 415 2.33 -13.73 3.93
C TRP A 415 2.43 -13.21 5.38
N VAL A 416 2.72 -11.93 5.54
CA VAL A 416 2.84 -11.33 6.87
C VAL A 416 1.59 -11.60 7.70
N GLN A 417 0.40 -11.50 7.08
CA GLN A 417 -0.86 -11.68 7.79
C GLN A 417 -1.04 -13.09 8.28
N THR A 418 -0.28 -14.04 7.72
CA THR A 418 -0.31 -15.38 8.35
C THR A 418 0.29 -15.39 9.77
N LEU A 419 1.19 -14.45 10.09
CA LEU A 419 1.79 -14.34 11.43
C LEU A 419 2.31 -15.69 11.95
N SER A 420 2.93 -16.46 11.07
CA SER A 420 3.68 -17.67 11.43
C SER A 420 4.96 -17.31 12.19
N GLU A 421 5.66 -18.34 12.67
CA GLU A 421 6.94 -18.10 13.35
C GLU A 421 8.00 -17.53 12.40
N GLN A 422 8.00 -17.95 11.12
CA GLN A 422 8.86 -17.31 10.12
C GLN A 422 8.54 -15.81 10.00
N VAL A 423 7.25 -15.47 10.00
CA VAL A 423 6.86 -14.07 9.92
C VAL A 423 7.35 -13.33 11.18
N GLN A 424 7.10 -13.92 12.34
CA GLN A 424 7.52 -13.28 13.60
C GLN A 424 8.99 -12.92 13.56
N GLU A 425 9.81 -13.84 13.05
CA GLU A 425 11.25 -13.60 12.98
C GLU A 425 11.55 -12.36 12.15
N GLU A 426 10.91 -12.26 10.99
CA GLU A 426 11.17 -11.09 10.15
C GLU A 426 10.50 -9.81 10.68
N LEU A 427 9.40 -9.93 11.45
CA LEU A 427 8.80 -8.75 12.05
C LEU A 427 9.70 -8.19 13.14
N LEU A 428 10.30 -9.07 13.96
CA LEU A 428 11.07 -8.56 15.08
C LEU A 428 12.45 -8.08 14.67
N SER A 429 12.95 -8.53 13.54
CA SER A 429 14.24 -8.09 13.04
C SER A 429 14.14 -6.81 12.23
N SER A 430 12.92 -6.33 11.96
CA SER A 430 12.56 -5.20 11.11
C SER A 430 12.74 -5.47 9.62
N GLN A 431 13.05 -6.72 9.24
CA GLN A 431 13.08 -7.05 7.81
C GLN A 431 11.74 -6.79 7.14
N VAL A 432 10.63 -7.13 7.80
CA VAL A 432 9.31 -6.92 7.19
C VAL A 432 9.07 -5.46 6.86
N THR A 433 9.38 -4.56 7.82
CA THR A 433 9.03 -3.16 7.55
C THR A 433 9.98 -2.52 6.55
N GLN A 434 11.22 -3.02 6.47
CA GLN A 434 12.15 -2.56 5.44
C GLN A 434 11.73 -3.02 4.04
N GLU A 435 11.30 -4.27 3.93
CA GLU A 435 10.79 -4.78 2.67
C GLU A 435 9.50 -4.06 2.26
N LEU A 436 8.57 -3.85 3.20
CA LEU A 436 7.34 -3.12 2.83
C LEU A 436 7.67 -1.70 2.38
N ARG A 437 8.62 -1.04 3.05
CA ARG A 437 9.01 0.29 2.59
C ARG A 437 9.52 0.25 1.16
N ALA A 438 10.41 -0.73 0.83
CA ALA A 438 10.93 -0.84 -0.53
C ALA A 438 9.79 -1.04 -1.53
N LEU A 439 8.85 -1.94 -1.21
CA LEU A 439 7.78 -2.23 -2.15
C LEU A 439 6.86 -1.03 -2.33
N MET A 440 6.61 -0.29 -1.24
CA MET A 440 5.78 0.90 -1.32
C MET A 440 6.45 1.97 -2.19
N ASP A 441 7.72 2.22 -1.95
CA ASP A 441 8.43 3.25 -2.73
C ASP A 441 8.43 2.91 -4.21
N GLU A 442 8.62 1.63 -4.55
N GLU A 442 8.62 1.63 -4.56
CA GLU A 442 8.60 1.26 -5.97
CA GLU A 442 8.59 1.25 -5.98
C GLU A 442 7.20 1.45 -6.57
C GLU A 442 7.20 1.45 -6.58
N THR A 443 6.15 1.06 -5.86
CA THR A 443 4.80 1.29 -6.33
C THR A 443 4.55 2.77 -6.62
N MET A 444 4.92 3.65 -5.66
CA MET A 444 4.65 5.07 -5.86
C MET A 444 5.48 5.62 -7.03
N LYS A 445 6.74 5.21 -7.14
CA LYS A 445 7.58 5.65 -8.25
C LYS A 445 6.97 5.27 -9.59
N GLU A 446 6.52 4.01 -9.69
CA GLU A 446 5.94 3.54 -10.94
C GLU A 446 4.62 4.25 -11.21
N LEU A 447 3.82 4.50 -10.18
CA LEU A 447 2.56 5.21 -10.40
C LEU A 447 2.82 6.61 -10.96
N LYS A 448 3.79 7.32 -10.37
CA LYS A 448 4.07 8.68 -10.85
C LYS A 448 4.54 8.65 -12.30
N ALA A 449 5.39 7.67 -12.65
CA ALA A 449 5.89 7.63 -14.01
C ALA A 449 4.77 7.27 -14.97
N TYR A 450 3.86 6.39 -14.55
CA TYR A 450 2.74 5.99 -15.41
C TYR A 450 1.81 7.17 -15.71
N LYS A 451 1.47 7.93 -14.67
CA LYS A 451 0.67 9.13 -14.90
C LYS A 451 1.34 10.04 -15.91
N SER A 452 2.67 10.22 -15.77
CA SER A 452 3.39 11.10 -16.67
C SER A 452 3.30 10.60 -18.11
N GLU A 453 3.37 9.28 -18.30
CA GLU A 453 3.29 8.72 -19.64
C GLU A 453 1.88 8.80 -20.22
N LEU A 454 0.84 8.61 -19.37
CA LEU A 454 -0.53 8.77 -19.84
C LEU A 454 -0.75 10.17 -20.38
N GLU A 455 -0.10 11.16 -19.77
CA GLU A 455 -0.32 12.52 -20.24
C GLU A 455 0.18 12.78 -21.65
N GLU A 456 0.86 11.81 -22.27
CA GLU A 456 1.31 11.96 -23.65
C GLU A 456 0.24 11.57 -24.65
N GLN A 457 -0.86 10.95 -24.20
CA GLN A 457 -1.93 10.52 -25.12
C GLN A 457 -3.29 10.89 -24.54
N LEU A 458 -3.54 12.19 -24.39
CA LEU A 458 -4.80 12.64 -23.80
C LEU A 458 -5.78 12.97 -24.91
N THR A 459 -7.03 12.56 -24.74
CA THR A 459 -8.10 13.13 -25.57
C THR A 459 -8.31 14.57 -25.12
N PRO A 460 -8.12 15.57 -25.98
CA PRO A 460 -8.29 16.96 -25.54
C PRO A 460 -9.68 17.20 -24.98
N VAL A 461 -9.78 17.32 -23.65
CA VAL A 461 -11.06 17.67 -23.06
C VAL A 461 -11.00 19.11 -22.61
N ALA A 462 -12.08 19.59 -22.03
CA ALA A 462 -12.12 20.97 -21.60
C ALA A 462 -11.12 21.21 -20.47
N GLU A 463 -10.16 22.08 -20.72
CA GLU A 463 -9.97 23.17 -19.77
C GLU A 463 -10.00 22.72 -18.32
N GLU A 464 -11.12 23.08 -17.68
CA GLU A 464 -11.39 22.81 -16.28
C GLU A 464 -11.39 21.31 -16.00
N THR A 465 -11.89 20.52 -16.95
CA THR A 465 -12.02 19.07 -16.74
C THR A 465 -10.65 18.42 -16.59
N ARG A 466 -9.70 18.77 -17.46
CA ARG A 466 -8.37 18.19 -17.38
C ARG A 466 -7.73 18.48 -16.02
N ALA A 467 -7.72 19.76 -15.62
CA ALA A 467 -7.11 20.15 -14.35
C ALA A 467 -7.76 19.44 -13.16
N ARG A 468 -9.11 19.40 -13.14
CA ARG A 468 -9.81 18.73 -12.05
C ARG A 468 -9.45 17.25 -12.00
N LEU A 469 -9.45 16.58 -13.16
CA LEU A 469 -9.15 15.16 -13.19
C LEU A 469 -7.72 14.87 -12.74
N SER A 470 -6.78 15.79 -13.05
CA SER A 470 -5.40 15.55 -12.64
C SER A 470 -5.25 15.76 -11.13
N LYS A 471 -5.99 16.69 -10.57
CA LYS A 471 -5.93 16.85 -9.12
C LYS A 471 -6.58 15.66 -8.39
N GLU A 472 -7.74 15.19 -8.89
CA GLU A 472 -8.37 13.97 -8.36
C GLU A 472 -7.40 12.79 -8.40
N LEU A 473 -6.68 12.63 -9.51
CA LEU A 473 -5.72 11.54 -9.63
C LEU A 473 -4.55 11.71 -8.65
N GLN A 474 -4.08 12.93 -8.46
CA GLN A 474 -3.00 13.12 -7.51
C GLN A 474 -3.47 12.78 -6.08
N ALA A 475 -4.70 13.17 -5.72
CA ALA A 475 -5.14 12.80 -4.38
C ALA A 475 -5.28 11.28 -4.23
N ALA A 476 -5.77 10.60 -5.28
CA ALA A 476 -5.89 9.14 -5.23
C ALA A 476 -4.54 8.48 -5.06
N GLN A 477 -3.50 8.96 -5.76
CA GLN A 477 -2.16 8.43 -5.54
C GLN A 477 -1.73 8.63 -4.10
N ALA A 478 -1.98 9.83 -3.57
CA ALA A 478 -1.54 10.15 -2.23
C ALA A 478 -2.20 9.22 -1.23
N ARG A 479 -3.49 8.94 -1.43
CA ARG A 479 -4.19 8.05 -0.50
C ARG A 479 -3.56 6.67 -0.52
N LEU A 480 -3.24 6.16 -1.73
CA LEU A 480 -2.54 4.86 -1.83
C LEU A 480 -1.24 4.84 -1.01
N GLY A 481 -0.40 5.88 -1.18
CA GLY A 481 0.84 5.92 -0.41
C GLY A 481 0.62 5.94 1.10
N ALA A 482 -0.31 6.79 1.55
CA ALA A 482 -0.62 6.86 2.98
C ALA A 482 -1.15 5.53 3.50
N ASP A 483 -1.92 4.80 2.68
CA ASP A 483 -2.46 3.52 3.13
C ASP A 483 -1.32 2.54 3.35
N MET A 484 -0.39 2.51 2.41
CA MET A 484 0.73 1.58 2.54
C MET A 484 1.59 1.94 3.74
N GLU A 485 1.77 3.25 3.99
CA GLU A 485 2.54 3.67 5.15
C GLU A 485 1.83 3.29 6.44
N ASP A 486 0.50 3.36 6.46
CA ASP A 486 -0.26 2.96 7.65
C ASP A 486 -0.03 1.47 7.96
N VAL A 487 0.02 0.64 6.91
CA VAL A 487 0.35 -0.79 7.13
C VAL A 487 1.73 -0.93 7.79
N ARG A 488 2.75 -0.33 7.16
CA ARG A 488 4.09 -0.41 7.73
C ARG A 488 4.14 0.11 9.17
N GLY A 489 3.47 1.24 9.44
CA GLY A 489 3.53 1.84 10.78
C GLY A 489 2.91 0.94 11.84
N ARG A 490 1.80 0.29 11.49
CA ARG A 490 1.15 -0.64 12.42
C ARG A 490 2.05 -1.81 12.76
N LEU A 491 2.83 -2.27 11.77
CA LEU A 491 3.81 -3.33 12.05
C LEU A 491 5.00 -2.84 12.88
N VAL A 492 5.43 -1.60 12.68
CA VAL A 492 6.46 -1.01 13.55
C VAL A 492 5.99 -0.99 15.01
N GLN A 493 4.73 -0.59 15.19
CA GLN A 493 4.13 -0.55 16.52
C GLN A 493 4.15 -1.92 17.16
N TYR A 494 3.74 -2.95 16.39
CA TYR A 494 3.78 -4.31 16.94
C TYR A 494 5.20 -4.74 17.35
N ARG A 495 6.22 -4.45 16.53
CA ARG A 495 7.59 -4.79 16.92
C ARG A 495 7.95 -4.16 18.26
N GLY A 496 7.65 -2.87 18.43
CA GLY A 496 7.96 -2.22 19.71
C GLY A 496 7.22 -2.83 20.89
N GLU A 497 5.96 -3.25 20.68
CA GLU A 497 5.23 -3.87 21.78
C GLU A 497 5.81 -5.21 22.18
N VAL A 498 6.15 -6.05 21.20
CA VAL A 498 6.81 -7.32 21.52
C VAL A 498 8.13 -7.08 22.21
N GLN A 499 8.87 -6.05 21.79
CA GLN A 499 10.19 -5.85 22.40
C GLN A 499 10.11 -5.37 23.85
N ALA A 500 8.96 -4.89 24.28
CA ALA A 500 8.78 -4.40 25.64
C ALA A 500 8.36 -5.49 26.60
N MET A 501 8.07 -6.70 26.13
CA MET A 501 7.30 -7.59 27.00
C MET A 501 8.05 -8.88 27.36
N LEU A 502 9.38 -8.83 27.34
CA LEU A 502 10.22 -9.85 27.96
C LEU A 502 9.85 -11.17 27.30
N GLY A 503 9.66 -12.26 28.02
CA GLY A 503 9.40 -13.46 27.22
C GLY A 503 7.94 -13.85 27.12
N GLN A 504 7.04 -12.91 27.43
CA GLN A 504 5.64 -13.29 27.62
C GLN A 504 4.90 -13.50 26.31
N SER A 505 3.76 -14.20 26.44
CA SER A 505 2.96 -14.58 25.28
C SER A 505 2.49 -13.38 24.45
N THR A 506 2.71 -13.46 23.12
CA THR A 506 2.29 -12.42 22.19
C THR A 506 0.94 -12.74 21.54
N GLU A 507 0.26 -13.81 21.99
CA GLU A 507 -0.91 -14.28 21.25
C GLU A 507 -2.00 -13.21 21.14
N GLU A 508 -2.30 -12.53 22.24
CA GLU A 508 -3.33 -11.51 22.18
C GLU A 508 -2.92 -10.35 21.29
N LEU A 509 -1.64 -9.94 21.38
CA LEU A 509 -1.10 -8.93 20.46
C LEU A 509 -1.28 -9.37 19.02
N ARG A 510 -1.06 -10.64 18.72
CA ARG A 510 -1.18 -11.10 17.33
C ARG A 510 -2.63 -11.14 16.84
N VAL A 511 -3.56 -11.55 17.71
CA VAL A 511 -4.99 -11.47 17.37
C VAL A 511 -5.39 -10.04 17.03
N ARG A 512 -4.96 -9.11 17.87
CA ARG A 512 -5.33 -7.71 17.63
C ARG A 512 -4.69 -7.18 16.36
N LEU A 513 -3.39 -7.50 16.16
CA LEU A 513 -2.71 -7.10 14.94
C LEU A 513 -3.44 -7.66 13.72
N ALA A 514 -3.84 -8.92 13.75
CA ALA A 514 -4.46 -9.50 12.56
C ALA A 514 -5.78 -8.81 12.21
N SER A 515 -6.61 -8.52 13.23
N SER A 515 -6.61 -8.51 13.21
CA SER A 515 -7.88 -7.82 12.97
CA SER A 515 -7.87 -7.85 12.84
C SER A 515 -7.64 -6.44 12.36
C SER A 515 -7.63 -6.42 12.32
N HIS A 516 -6.64 -5.73 12.88
CA HIS A 516 -6.33 -4.38 12.39
C HIS A 516 -5.75 -4.42 10.97
N LEU A 517 -4.88 -5.38 10.69
CA LEU A 517 -4.35 -5.52 9.33
C LEU A 517 -5.45 -5.83 8.34
N ARG A 518 -6.44 -6.65 8.73
CA ARG A 518 -7.52 -6.92 7.80
C ARG A 518 -8.23 -5.63 7.42
N LYS A 519 -8.41 -4.75 8.40
CA LYS A 519 -9.07 -3.46 8.08
C LYS A 519 -8.17 -2.53 7.24
N LEU A 520 -6.88 -2.51 7.53
CA LEU A 520 -5.96 -1.70 6.72
C LEU A 520 -5.89 -2.19 5.28
N ARG A 521 -5.89 -3.50 5.10
CA ARG A 521 -5.94 -4.04 3.74
C ARG A 521 -7.23 -3.63 3.03
N LYS A 522 -8.37 -3.65 3.74
CA LYS A 522 -9.62 -3.28 3.08
C LYS A 522 -9.54 -1.85 2.56
N ARG A 523 -8.94 -0.96 3.36
CA ARG A 523 -8.80 0.43 2.93
C ARG A 523 -7.86 0.54 1.73
N LEU A 524 -6.64 -0.03 1.84
CA LEU A 524 -5.70 -0.02 0.70
C LEU A 524 -6.34 -0.56 -0.56
N LEU A 525 -7.17 -1.59 -0.44
CA LEU A 525 -7.72 -2.23 -1.63
C LEU A 525 -8.81 -1.36 -2.27
N ARG A 526 -9.71 -0.76 -1.47
CA ARG A 526 -10.68 0.10 -2.10
C ARG A 526 -10.03 1.33 -2.69
N ASP A 527 -8.95 1.85 -2.08
CA ASP A 527 -8.26 2.99 -2.66
C ASP A 527 -7.51 2.62 -3.94
N ALA A 528 -6.95 1.40 -3.98
CA ALA A 528 -6.30 0.96 -5.22
C ALA A 528 -7.30 0.80 -6.36
N ASP A 529 -8.46 0.17 -6.08
CA ASP A 529 -9.46 0.01 -7.12
C ASP A 529 -9.98 1.35 -7.59
N ASP A 530 -10.15 2.28 -6.65
CA ASP A 530 -10.59 3.61 -7.07
C ASP A 530 -9.54 4.27 -7.95
N LEU A 531 -8.28 4.13 -7.58
CA LEU A 531 -7.19 4.72 -8.35
C LEU A 531 -7.14 4.12 -9.76
N GLN A 532 -7.24 2.79 -9.87
CA GLN A 532 -7.27 2.17 -11.20
C GLN A 532 -8.40 2.74 -12.05
N LYS A 533 -9.60 2.88 -11.47
CA LYS A 533 -10.73 3.41 -12.23
C LYS A 533 -10.47 4.85 -12.68
N ARG A 534 -9.88 5.68 -11.84
CA ARG A 534 -9.59 7.04 -12.27
C ARG A 534 -8.55 7.06 -13.38
N LEU A 535 -7.48 6.25 -13.25
CA LEU A 535 -6.51 6.19 -14.33
C LEU A 535 -7.15 5.73 -15.63
N ALA A 536 -8.05 4.75 -15.55
CA ALA A 536 -8.65 4.18 -16.76
C ALA A 536 -9.48 5.22 -17.49
N VAL A 537 -10.18 6.08 -16.75
CA VAL A 537 -10.93 7.12 -17.46
C VAL A 537 -10.08 8.35 -17.76
N TYR A 538 -8.86 8.44 -17.22
CA TYR A 538 -8.09 9.69 -17.29
C TYR A 538 -7.84 10.12 -18.73
N GLN A 539 -7.42 9.19 -19.60
CA GLN A 539 -7.09 9.51 -20.99
C GLN A 539 -8.26 10.21 -21.67
N ALA A 540 -9.39 9.48 -21.81
CA ALA A 540 -10.54 10.02 -22.53
C ALA A 540 -11.17 11.21 -21.81
N GLY A 541 -10.95 11.33 -20.51
CA GLY A 541 -11.34 12.52 -19.77
C GLY A 541 -12.83 12.73 -19.70
C1 GOL B . -4.77 -15.06 12.49
O1 GOL B . -4.21 -14.48 11.33
C2 GOL B . -3.96 -14.51 13.72
O2 GOL B . -4.79 -14.19 14.77
C3 GOL B . -2.91 -15.63 14.10
O3 GOL B . -2.50 -15.39 15.44
#